data_8XN7
#
_entry.id   8XN7
#
_cell.length_a   45.865
_cell.length_b   76.997
_cell.length_c   89.754
_cell.angle_alpha   90.000
_cell.angle_beta   93.910
_cell.angle_gamma   90.000
#
_symmetry.space_group_name_H-M   'P 1 21 1'
#
loop_
_entity.id
_entity.type
_entity.pdbx_description
1 polymer 'Mitogen-activated protein kinase kinase kinase kinase 1'
2 non-polymer 5-amino-2-((6-methoxy-2-methyl-1,2,3,4-tetrahydroisoquinolin-7-yl)amino)-8-(2-(trifluoromethyl)benzyl)pyrido[2,3-d]pyrimidin-7(8H)-one
3 water water
#
_entity_poly.entity_id   1
_entity_poly.type   'polypeptide(L)'
_entity_poly.pdbx_seq_one_letter_code
;AMGSDVVDPDIFNRDPRDHYDLLQRLGGGTYGEVFKARDKVSGDLVALKMVKMEPDDDVSTLQKEILILKTCRHANIVAY
HGSYLWLQKLWICMEFCGAGSLQDIYQVTGSLSELQISYVCREVLQGLAYLHSQKKIHRDIKGANILINDAGEVRLADFG
ISAQIGAELARRLEFIGTPYWMAPEVAAVALKGGYNELCDIWSLGITAIELAELQPPLFDVHPLRVLFLMTKSGYQPPRL
KEKGKWSAAFHNFIKVTLTKSPKKRPSATKMLSHQLVSQPGLNRGLILDLLDKLKN
;
_entity_poly.pdbx_strand_id   A,B
#
loop_
_chem_comp.id
_chem_comp.type
_chem_comp.name
_chem_comp.formula
A1LVT non-polymer 5-amino-2-((6-methoxy-2-methyl-1,2,3,4-tetrahydroisoquinolin-7-yl)amino)-8-(2-(trifluoromethyl)benzyl)pyrido[2,3-d]pyrimidin-7(8H)-one 'C26 H25 F3 N6 O2'
#
# COMPACT_ATOMS: atom_id res chain seq x y z
N PRO A 9 18.63 -14.75 20.36
CA PRO A 9 17.78 -13.87 21.17
C PRO A 9 17.00 -14.65 22.23
N ASP A 10 17.03 -14.18 23.48
CA ASP A 10 16.33 -14.84 24.58
C ASP A 10 14.99 -14.14 24.78
N ILE A 11 13.96 -14.68 24.12
CA ILE A 11 12.58 -14.27 24.35
C ILE A 11 12.11 -15.01 25.61
N PHE A 12 12.08 -14.31 26.74
CA PHE A 12 11.71 -14.94 28.00
C PHE A 12 10.29 -15.50 27.94
N ASN A 13 10.14 -16.75 28.37
CA ASN A 13 8.84 -17.42 28.36
C ASN A 13 8.18 -17.34 29.74
N ARG A 14 8.01 -16.12 30.24
CA ARG A 14 7.37 -15.92 31.53
C ARG A 14 6.32 -14.82 31.41
N ASP A 15 5.72 -14.42 32.53
CA ASP A 15 4.80 -13.29 32.49
C ASP A 15 5.57 -12.01 32.77
N PRO A 16 5.46 -10.98 31.94
CA PRO A 16 6.20 -9.74 32.22
C PRO A 16 5.76 -9.05 33.50
N ARG A 17 4.51 -9.25 33.93
CA ARG A 17 4.02 -8.68 35.16
C ARG A 17 4.70 -9.25 36.40
N ASP A 18 5.42 -10.36 36.25
CA ASP A 18 6.21 -10.90 37.35
C ASP A 18 7.44 -10.06 37.61
N HIS A 19 8.02 -9.45 36.56
CA HIS A 19 9.22 -8.65 36.69
C HIS A 19 8.97 -7.15 36.67
N TYR A 20 7.76 -6.70 36.33
CA TYR A 20 7.50 -5.27 36.16
C TYR A 20 6.12 -4.89 36.70
N ASP A 21 5.97 -3.64 37.11
CA ASP A 21 4.71 -3.10 37.53
C ASP A 21 4.33 -2.10 36.45
N LEU A 22 3.14 -2.22 35.89
CA LEU A 22 2.73 -1.32 34.86
C LEU A 22 2.24 -0.05 35.47
N LEU A 23 2.73 1.09 35.01
CA LEU A 23 2.34 2.34 35.59
C LEU A 23 1.42 3.26 34.83
N GLN A 24 1.53 3.32 33.53
CA GLN A 24 0.69 4.19 32.78
C GLN A 24 0.74 3.88 31.35
N ARG A 25 -0.43 3.90 30.72
CA ARG A 25 -0.50 3.66 29.29
C ARG A 25 -0.03 4.91 28.56
N LEU A 26 0.98 4.77 27.71
CA LEU A 26 1.54 5.91 27.01
C LEU A 26 0.90 6.13 25.64
N GLY A 27 0.47 5.07 24.98
CA GLY A 27 -0.15 5.19 23.68
C GLY A 27 -0.53 3.82 23.16
N GLY A 28 -1.15 3.81 21.99
CA GLY A 28 -1.64 2.57 21.44
C GLY A 28 -1.81 2.64 19.94
N GLY A 29 -2.39 1.56 19.41
CA GLY A 29 -2.61 1.46 17.99
C GLY A 29 -2.97 0.03 17.61
N THR A 30 -2.87 -0.27 16.31
CA THR A 30 -3.12 -1.62 15.85
C THR A 30 -2.05 -2.59 16.33
N TYR A 31 -0.82 -2.12 16.50
CA TYR A 31 0.23 -2.97 17.04
C TYR A 31 -0.09 -3.44 18.45
N GLY A 32 -0.63 -2.56 19.27
CA GLY A 32 -0.87 -2.84 20.66
C GLY A 32 -0.76 -1.56 21.46
N GLU A 33 -0.24 -1.69 22.68
CA GLU A 33 -0.07 -0.55 23.57
C GLU A 33 1.32 -0.53 24.17
N VAL A 34 1.71 0.64 24.68
CA VAL A 34 3.01 0.85 25.32
C VAL A 34 2.77 1.44 26.70
N PHE A 35 3.40 0.85 27.72
CA PHE A 35 3.25 1.30 29.10
C PHE A 35 4.57 1.79 29.66
N LYS A 36 4.46 2.72 30.62
CA LYS A 36 5.54 2.99 31.54
C LYS A 36 5.52 1.93 32.63
N ALA A 37 6.66 1.29 32.84
CA ALA A 37 6.76 0.21 33.81
C ALA A 37 8.00 0.42 34.66
N ARG A 38 8.00 -0.22 35.82
CA ARG A 38 9.11 -0.14 36.76
C ARG A 38 9.55 -1.56 37.06
N ASP A 39 10.86 -1.80 37.03
CA ASP A 39 11.39 -3.11 37.38
C ASP A 39 11.16 -3.35 38.88
N LYS A 40 10.45 -4.42 39.19
CA LYS A 40 10.13 -4.71 40.59
C LYS A 40 11.40 -4.88 41.44
N VAL A 41 12.53 -5.21 40.83
CA VAL A 41 13.78 -5.42 41.55
C VAL A 41 14.73 -4.23 41.37
N SER A 42 14.95 -3.80 40.13
CA SER A 42 15.94 -2.74 39.89
C SER A 42 15.42 -1.37 40.30
N GLY A 43 14.12 -1.14 40.16
CA GLY A 43 13.58 0.20 40.30
C GLY A 43 13.75 1.06 39.07
N ASP A 44 14.36 0.53 38.02
CA ASP A 44 14.52 1.27 36.78
C ASP A 44 13.20 1.41 36.05
N LEU A 45 13.03 2.53 35.38
CA LEU A 45 11.84 2.76 34.58
C LEU A 45 12.07 2.23 33.18
N VAL A 46 11.02 1.65 32.59
CA VAL A 46 11.12 1.05 31.26
C VAL A 46 9.83 1.32 30.51
N ALA A 47 9.93 1.19 29.18
CA ALA A 47 8.76 1.22 28.32
C ALA A 47 8.48 -0.22 27.88
N LEU A 48 7.21 -0.60 27.94
CA LEU A 48 6.81 -1.97 27.63
C LEU A 48 5.80 -1.92 26.48
N LYS A 49 6.23 -2.33 25.31
CA LYS A 49 5.36 -2.38 24.15
C LYS A 49 4.83 -3.77 23.97
N MET A 50 3.52 -3.90 24.03
CA MET A 50 2.84 -5.18 23.90
C MET A 50 2.30 -5.28 22.48
N VAL A 51 2.71 -6.32 21.76
CA VAL A 51 2.28 -6.56 20.40
C VAL A 51 1.40 -7.79 20.41
N LYS A 52 0.15 -7.63 19.98
CA LYS A 52 -0.82 -8.71 20.02
C LYS A 52 -0.57 -9.67 18.85
N MET A 53 -0.31 -10.93 19.18
CA MET A 53 0.00 -11.94 18.19
C MET A 53 -1.28 -12.45 17.51
N GLU A 54 -1.08 -13.18 16.42
CA GLU A 54 -2.14 -13.82 15.67
C GLU A 54 -1.78 -15.28 15.50
N PRO A 55 -2.77 -16.17 15.29
CA PRO A 55 -2.46 -17.60 15.20
C PRO A 55 -1.47 -17.95 14.10
N ASP A 56 -1.63 -17.35 12.92
CA ASP A 56 -0.80 -17.72 11.77
C ASP A 56 0.62 -17.17 11.85
N ASP A 57 0.91 -16.26 12.77
CA ASP A 57 2.29 -15.79 12.95
C ASP A 57 3.19 -16.92 13.41
N ASP A 58 4.38 -16.99 12.84
CA ASP A 58 5.31 -18.05 13.17
C ASP A 58 6.29 -17.57 14.24
N VAL A 59 6.72 -18.51 15.09
CA VAL A 59 7.70 -18.21 16.11
C VAL A 59 9.07 -17.95 15.49
N SER A 60 9.30 -18.45 14.28
CA SER A 60 10.55 -18.21 13.59
C SER A 60 10.71 -16.74 13.23
N THR A 61 9.64 -16.11 12.72
CA THR A 61 9.69 -14.71 12.32
C THR A 61 10.00 -13.79 13.49
N LEU A 62 9.41 -14.05 14.65
CA LEU A 62 9.64 -13.16 15.80
C LEU A 62 11.14 -13.14 16.11
N GLN A 63 11.74 -14.32 16.22
CA GLN A 63 13.18 -14.40 16.57
C GLN A 63 13.96 -13.55 15.58
N LYS A 64 13.76 -13.76 14.28
CA LYS A 64 14.43 -12.92 13.28
C LYS A 64 14.27 -11.44 13.61
N GLU A 65 13.05 -11.03 13.98
CA GLU A 65 12.80 -9.63 14.29
C GLU A 65 13.44 -9.23 15.61
N ILE A 66 13.42 -10.13 16.60
CA ILE A 66 13.99 -9.79 17.90
C ILE A 66 15.52 -9.73 17.81
N LEU A 67 16.11 -10.51 16.90
CA LEU A 67 17.54 -10.38 16.67
C LEU A 67 17.88 -9.03 16.06
N ILE A 68 16.99 -8.53 15.19
CA ILE A 68 17.19 -7.21 14.58
C ILE A 68 17.22 -6.14 15.66
N LEU A 69 16.29 -6.21 16.61
CA LEU A 69 16.25 -5.26 17.71
C LEU A 69 17.44 -5.44 18.63
N LYS A 70 17.81 -6.69 18.93
CA LYS A 70 18.92 -6.96 19.84
C LYS A 70 20.24 -6.44 19.28
N THR A 71 20.49 -6.69 17.99
CA THR A 71 21.76 -6.29 17.39
C THR A 71 21.86 -4.78 17.22
N CYS A 72 20.73 -4.10 17.02
CA CYS A 72 20.72 -2.68 16.74
C CYS A 72 21.07 -1.91 18.01
N ARG A 73 22.31 -1.45 18.10
CA ARG A 73 22.82 -0.79 19.30
C ARG A 73 23.48 0.52 18.91
N HIS A 74 22.79 1.62 19.19
CA HIS A 74 23.32 2.96 19.01
C HIS A 74 22.72 3.85 20.09
N ALA A 75 23.50 4.84 20.54
CA ALA A 75 23.06 5.70 21.64
C ALA A 75 21.79 6.47 21.28
N ASN A 76 21.60 6.81 20.00
CA ASN A 76 20.45 7.56 19.55
C ASN A 76 19.27 6.67 19.16
N ILE A 77 19.39 5.36 19.32
CA ILE A 77 18.28 4.42 19.15
C ILE A 77 17.83 3.97 20.53
N VAL A 78 16.52 3.88 20.73
CA VAL A 78 16.01 3.46 22.03
C VAL A 78 16.53 2.07 22.35
N ALA A 79 17.13 1.93 23.52
CA ALA A 79 17.83 0.69 23.86
C ALA A 79 16.84 -0.45 24.04
N TYR A 80 17.23 -1.62 23.56
CA TYR A 80 16.45 -2.84 23.73
C TYR A 80 16.98 -3.60 24.94
N HIS A 81 16.09 -3.98 25.85
CA HIS A 81 16.46 -4.66 27.08
C HIS A 81 16.17 -6.16 27.05
N GLY A 82 15.00 -6.54 26.56
CA GLY A 82 14.64 -7.95 26.50
C GLY A 82 13.26 -8.09 25.92
N SER A 83 12.84 -9.35 25.79
CA SER A 83 11.52 -9.64 25.24
C SER A 83 10.90 -10.82 25.96
N TYR A 84 9.58 -10.82 25.99
CA TYR A 84 8.79 -11.82 26.69
C TYR A 84 7.69 -12.30 25.74
N LEU A 85 7.35 -13.58 25.87
CA LEU A 85 6.26 -14.17 25.10
C LEU A 85 5.34 -14.88 26.08
N TRP A 86 4.15 -14.33 26.28
CA TRP A 86 3.23 -14.89 27.27
C TRP A 86 1.79 -14.72 26.78
N LEU A 87 1.02 -15.80 26.86
CA LEU A 87 -0.40 -15.79 26.53
C LEU A 87 -0.67 -15.12 25.19
N GLN A 88 0.12 -15.50 24.18
CA GLN A 88 -0.08 -15.06 22.80
C GLN A 88 0.11 -13.55 22.63
N LYS A 89 0.88 -12.93 23.53
CA LYS A 89 1.24 -11.52 23.45
C LYS A 89 2.76 -11.41 23.57
N LEU A 90 3.35 -10.53 22.77
CA LEU A 90 4.78 -10.26 22.83
C LEU A 90 5.02 -8.92 23.51
N TRP A 91 6.02 -8.88 24.38
CA TRP A 91 6.36 -7.68 25.13
C TRP A 91 7.81 -7.32 24.87
N ILE A 92 8.05 -6.11 24.41
CA ILE A 92 9.39 -5.61 24.16
C ILE A 92 9.72 -4.60 25.26
N CYS A 93 10.79 -4.87 25.99
CA CYS A 93 11.25 -3.97 27.04
C CYS A 93 12.32 -3.05 26.46
N MET A 94 12.11 -1.74 26.58
CA MET A 94 12.95 -0.75 25.93
C MET A 94 13.35 0.34 26.92
N GLU A 95 14.31 1.15 26.50
CA GLU A 95 14.69 2.33 27.25
C GLU A 95 13.51 3.30 27.37
N PHE A 96 13.37 3.92 28.53
CA PHE A 96 12.27 4.84 28.79
C PHE A 96 12.78 6.28 28.70
N CYS A 97 12.02 7.12 28.00
CA CYS A 97 12.35 8.53 27.82
C CYS A 97 11.24 9.36 28.47
N GLY A 98 11.57 10.01 29.59
CA GLY A 98 10.59 10.62 30.47
C GLY A 98 9.96 11.91 30.02
N ALA A 99 10.36 12.48 28.88
CA ALA A 99 9.76 13.71 28.38
C ALA A 99 8.86 13.46 27.17
N GLY A 100 8.63 12.21 26.79
CA GLY A 100 7.80 11.93 25.65
C GLY A 100 8.47 12.30 24.35
N SER A 101 7.65 12.50 23.32
CA SER A 101 8.13 12.89 22.01
C SER A 101 8.27 14.40 21.92
N LEU A 102 8.99 14.86 20.89
CA LEU A 102 9.05 16.28 20.59
C LEU A 102 7.67 16.83 20.24
N GLN A 103 6.80 15.99 19.68
CA GLN A 103 5.42 16.43 19.42
C GLN A 103 4.69 16.72 20.72
N ASP A 104 4.83 15.82 21.70
CA ASP A 104 4.27 16.06 23.03
C ASP A 104 4.82 17.36 23.62
N ILE A 105 6.06 17.71 23.28
CA ILE A 105 6.70 18.86 23.88
C ILE A 105 6.30 20.15 23.19
N TYR A 106 6.49 20.24 21.87
CA TYR A 106 6.24 21.50 21.19
C TYR A 106 4.76 21.88 21.16
N GLN A 107 3.86 20.90 21.36
CA GLN A 107 2.45 21.23 21.49
C GLN A 107 2.15 22.02 22.75
N VAL A 108 3.08 22.02 23.71
CA VAL A 108 2.95 22.83 24.90
C VAL A 108 3.90 24.03 24.88
N THR A 109 5.14 23.81 24.44
CA THR A 109 6.17 24.83 24.50
C THR A 109 6.14 25.79 23.32
N GLY A 110 5.58 25.40 22.19
CA GLY A 110 5.66 26.20 20.99
C GLY A 110 6.88 25.86 20.16
N SER A 111 7.14 26.72 19.16
CA SER A 111 8.21 26.46 18.22
C SER A 111 9.55 26.33 18.93
N LEU A 112 10.40 25.44 18.42
CA LEU A 112 11.73 25.27 18.96
C LEU A 112 12.67 26.32 18.38
N SER A 113 13.76 26.58 19.10
CA SER A 113 14.78 27.47 18.58
C SER A 113 15.59 26.77 17.49
N GLU A 114 16.24 27.58 16.64
CA GLU A 114 17.09 27.02 15.60
C GLU A 114 18.21 26.19 16.21
N LEU A 115 18.76 26.62 17.35
CA LEU A 115 19.81 25.86 18.00
C LEU A 115 19.28 24.51 18.50
N GLN A 116 18.12 24.53 19.17
CA GLN A 116 17.50 23.30 19.62
C GLN A 116 17.20 22.37 18.44
N ILE A 117 16.67 22.92 17.35
CA ILE A 117 16.37 22.11 16.17
C ILE A 117 17.65 21.50 15.61
N SER A 118 18.73 22.27 15.60
CA SER A 118 20.00 21.77 15.08
C SER A 118 20.51 20.60 15.92
N TYR A 119 20.41 20.71 17.24
CA TYR A 119 20.84 19.63 18.12
C TYR A 119 20.00 18.37 17.88
N VAL A 120 18.69 18.54 17.74
CA VAL A 120 17.82 17.41 17.43
C VAL A 120 18.20 16.79 16.09
N CYS A 121 18.42 17.64 15.08
CA CYS A 121 18.74 17.12 13.75
C CYS A 121 20.07 16.39 13.73
N ARG A 122 21.06 16.89 14.48
CA ARG A 122 22.35 16.20 14.55
C ARG A 122 22.20 14.84 15.23
N GLU A 123 21.43 14.78 16.32
CA GLU A 123 21.25 13.52 17.03
C GLU A 123 20.51 12.51 16.19
N VAL A 124 19.48 12.94 15.45
CA VAL A 124 18.73 12.02 14.61
C VAL A 124 19.60 11.50 13.47
N LEU A 125 20.41 12.37 12.86
CA LEU A 125 21.28 11.94 11.78
C LEU A 125 22.29 10.91 12.26
N GLN A 126 22.78 11.05 13.48
CA GLN A 126 23.70 10.08 14.04
C GLN A 126 23.05 8.70 14.13
N GLY A 127 21.82 8.64 14.63
CA GLY A 127 21.09 7.37 14.62
C GLY A 127 20.75 6.91 13.21
N LEU A 128 20.29 7.84 12.36
CA LEU A 128 19.96 7.49 10.98
C LEU A 128 21.16 6.90 10.24
N ALA A 129 22.34 7.49 10.44
CA ALA A 129 23.54 6.97 9.79
C ALA A 129 23.84 5.55 10.26
N TYR A 130 23.56 5.25 11.53
CA TYR A 130 23.79 3.90 12.04
C TYR A 130 22.78 2.92 11.45
N LEU A 131 21.51 3.31 11.36
CA LEU A 131 20.50 2.42 10.79
C LEU A 131 20.80 2.12 9.33
N HIS A 132 21.21 3.12 8.56
CA HIS A 132 21.50 2.90 7.16
C HIS A 132 22.77 2.06 6.98
N SER A 133 23.71 2.16 7.92
CA SER A 133 24.88 1.29 7.89
C SER A 133 24.48 -0.17 8.02
N GLN A 134 23.45 -0.45 8.81
CA GLN A 134 22.91 -1.79 8.96
C GLN A 134 21.90 -2.17 7.87
N LYS A 135 21.87 -1.42 6.76
CA LYS A 135 20.93 -1.66 5.66
C LYS A 135 19.48 -1.64 6.13
N LYS A 136 19.20 -0.72 7.06
CA LYS A 136 17.81 -0.60 7.59
C LYS A 136 17.24 0.76 7.18
N ILE A 137 15.92 0.91 7.28
CA ILE A 137 15.23 2.18 6.91
C ILE A 137 14.15 2.45 7.94
N HIS A 138 14.23 3.58 8.64
CA HIS A 138 13.24 3.94 9.69
C HIS A 138 11.85 3.97 9.07
N ARG A 139 11.65 4.81 8.06
CA ARG A 139 10.36 4.88 7.32
C ARG A 139 9.41 5.91 7.93
N ASP A 140 9.54 6.23 9.21
CA ASP A 140 8.63 7.20 9.87
C ASP A 140 9.40 8.19 10.74
N ILE A 141 10.39 8.88 10.16
CA ILE A 141 11.09 9.96 10.90
C ILE A 141 10.14 11.15 10.97
N LYS A 142 9.77 11.54 12.18
CA LYS A 142 8.79 12.64 12.40
C LYS A 142 8.94 13.02 13.87
N GLY A 143 8.37 14.15 14.27
CA GLY A 143 8.46 14.63 15.63
C GLY A 143 7.80 13.72 16.64
N ALA A 144 6.72 13.04 16.24
CA ALA A 144 6.03 12.13 17.16
C ALA A 144 6.83 10.88 17.45
N ASN A 145 7.83 10.57 16.64
CA ASN A 145 8.66 9.38 16.82
C ASN A 145 10.07 9.71 17.31
N ILE A 146 10.32 10.97 17.65
CA ILE A 146 11.61 11.38 18.22
C ILE A 146 11.40 11.58 19.70
N LEU A 147 12.02 10.74 20.52
CA LEU A 147 11.82 10.76 21.96
C LEU A 147 12.88 11.60 22.66
N ILE A 148 12.53 12.09 23.84
CA ILE A 148 13.40 12.93 24.65
C ILE A 148 13.34 12.41 26.09
N ASN A 149 14.51 12.25 26.71
CA ASN A 149 14.56 11.88 28.12
C ASN A 149 14.76 13.12 28.98
N ASP A 150 14.72 12.92 30.30
CA ASP A 150 14.86 14.04 31.23
C ASP A 150 16.25 14.64 31.20
N ALA A 151 17.23 13.92 30.66
CA ALA A 151 18.59 14.45 30.52
C ALA A 151 18.75 15.31 29.29
N GLY A 152 17.70 15.46 28.47
CA GLY A 152 17.79 16.27 27.27
C GLY A 152 18.38 15.56 26.08
N GLU A 153 18.41 14.24 26.08
CA GLU A 153 19.01 13.47 25.00
C GLU A 153 17.92 12.96 24.04
N VAL A 154 18.34 12.57 22.85
CA VAL A 154 17.45 12.27 21.74
C VAL A 154 17.54 10.79 21.42
N ARG A 155 16.39 10.14 21.30
CA ARG A 155 16.31 8.71 21.03
C ARG A 155 15.29 8.48 19.92
N LEU A 156 15.65 7.70 18.90
CA LEU A 156 14.70 7.36 17.85
C LEU A 156 13.85 6.16 18.25
N ALA A 157 12.53 6.32 18.21
CA ALA A 157 11.62 5.20 18.38
C ALA A 157 11.32 4.55 17.04
N ASP A 158 11.02 3.26 17.06
CA ASP A 158 10.77 2.50 15.85
C ASP A 158 9.58 1.56 16.06
N PHE A 159 8.59 1.64 15.18
CA PHE A 159 7.42 0.78 15.23
C PHE A 159 7.42 -0.27 14.12
N GLY A 160 8.58 -0.58 13.55
CA GLY A 160 8.63 -1.43 12.38
C GLY A 160 8.30 -2.89 12.66
N ILE A 161 8.71 -3.40 13.82
CA ILE A 161 8.53 -4.82 14.13
C ILE A 161 7.07 -5.24 14.00
N SER A 162 6.14 -4.31 14.26
CA SER A 162 4.72 -4.66 14.21
C SER A 162 4.22 -4.83 12.78
N ALA A 163 4.88 -4.20 11.80
CA ALA A 163 4.46 -4.39 10.42
C ALA A 163 4.80 -5.77 9.90
N GLN A 164 5.66 -6.51 10.60
CA GLN A 164 6.07 -7.83 10.15
C GLN A 164 5.37 -8.97 10.91
N ILE A 165 4.66 -8.68 12.00
CA ILE A 165 3.98 -9.70 12.79
C ILE A 165 2.75 -9.08 13.46
N GLY A 166 1.77 -9.93 13.75
CA GLY A 166 0.60 -9.53 14.52
C GLY A 166 -0.55 -8.91 13.75
N ALA A 167 -1.18 -7.90 14.33
CA ALA A 167 -2.41 -7.34 13.77
C ALA A 167 -2.12 -6.38 12.62
N GLU A 168 -1.10 -5.54 12.78
CA GLU A 168 -0.69 -4.68 11.67
C GLU A 168 -0.32 -5.50 10.45
N LEU A 169 0.39 -6.61 10.64
CA LEU A 169 0.70 -7.51 9.54
C LEU A 169 -0.57 -8.01 8.86
N ALA A 170 -1.61 -8.29 9.66
CA ALA A 170 -2.87 -8.74 9.09
C ALA A 170 -3.56 -7.63 8.30
N ARG A 171 -3.58 -6.41 8.85
CA ARG A 171 -4.30 -5.33 8.18
C ARG A 171 -3.67 -4.95 6.84
N ARG A 172 -2.34 -4.95 6.76
CA ARG A 172 -1.69 -4.71 5.47
C ARG A 172 -2.09 -5.79 4.47
N LEU A 173 -1.98 -7.06 4.89
CA LEU A 173 -2.38 -8.17 4.03
C LEU A 173 -3.84 -8.07 3.64
N GLU A 174 -4.69 -7.62 4.58
CA GLU A 174 -6.10 -7.37 4.27
C GLU A 174 -6.27 -6.37 3.16
N PHE A 175 -5.37 -5.40 3.04
CA PHE A 175 -5.56 -4.38 2.02
C PHE A 175 -5.03 -4.85 0.67
N ILE A 176 -3.91 -5.57 0.66
CA ILE A 176 -3.34 -6.06 -0.59
C ILE A 176 -4.28 -7.05 -1.25
N GLY A 177 -5.08 -7.75 -0.46
CA GLY A 177 -5.91 -8.76 -1.03
C GLY A 177 -5.09 -9.94 -1.52
N THR A 178 -5.77 -10.78 -2.28
CA THR A 178 -5.15 -11.97 -2.85
C THR A 178 -3.94 -11.61 -3.71
N PRO A 179 -2.80 -12.25 -3.51
CA PRO A 179 -1.58 -11.91 -4.26
C PRO A 179 -1.21 -12.89 -5.37
N TYR A 180 -2.04 -13.91 -5.62
CA TYR A 180 -1.61 -15.01 -6.49
C TYR A 180 -1.56 -14.59 -7.96
N TRP A 181 -2.42 -13.67 -8.39
CA TRP A 181 -2.37 -13.17 -9.76
C TRP A 181 -1.38 -12.03 -9.94
N MET A 182 -0.81 -11.52 -8.85
CA MET A 182 0.06 -10.35 -8.92
C MET A 182 1.37 -10.64 -9.63
N ALA A 183 1.84 -9.68 -10.42
CA ALA A 183 3.16 -9.77 -11.03
C ALA A 183 4.25 -9.58 -9.98
N PRO A 184 5.46 -10.13 -10.22
CA PRO A 184 6.50 -10.05 -9.18
C PRO A 184 6.98 -8.62 -8.92
N GLU A 185 6.95 -7.74 -9.91
CA GLU A 185 7.35 -6.36 -9.67
C GLU A 185 6.31 -5.63 -8.82
N VAL A 186 5.04 -6.02 -8.91
CA VAL A 186 4.00 -5.42 -8.02
C VAL A 186 4.20 -5.98 -6.61
N ALA A 187 4.58 -7.25 -6.51
CA ALA A 187 4.80 -7.89 -5.20
C ALA A 187 5.90 -7.15 -4.42
N ALA A 188 6.94 -6.74 -5.13
CA ALA A 188 8.05 -6.02 -4.49
C ALA A 188 7.56 -4.75 -3.80
N VAL A 189 6.75 -3.95 -4.47
CA VAL A 189 6.25 -2.66 -3.93
C VAL A 189 5.32 -2.91 -2.73
N ALA A 190 4.84 -4.13 -2.53
CA ALA A 190 3.86 -4.41 -1.45
C ALA A 190 4.60 -4.77 -0.17
N LEU A 191 5.86 -5.16 -0.28
CA LEU A 191 6.72 -5.58 0.84
C LEU A 191 7.52 -4.32 1.17
N LYS A 192 6.90 -3.14 1.03
CA LYS A 192 7.56 -1.82 1.22
C LYS A 192 8.74 -1.56 0.26
N GLY A 193 8.78 -2.18 -0.91
CA GLY A 193 9.86 -1.85 -1.80
C GLY A 193 9.63 -0.68 -2.75
N GLY A 194 10.67 -0.31 -3.47
CA GLY A 194 10.63 0.75 -4.44
C GLY A 194 11.47 1.98 -4.18
N TYR A 195 11.98 2.09 -2.97
CA TYR A 195 12.76 3.25 -2.61
C TYR A 195 13.99 2.88 -1.82
N ASN A 196 14.68 3.88 -1.31
CA ASN A 196 15.94 3.67 -0.59
C ASN A 196 15.92 4.35 0.77
N GLU A 197 17.03 4.20 1.48
CA GLU A 197 17.20 4.80 2.80
C GLU A 197 17.17 6.33 2.75
N LEU A 198 17.35 6.93 1.58
CA LEU A 198 17.40 8.38 1.47
C LEU A 198 16.06 9.05 1.73
N CYS A 199 14.97 8.30 1.80
CA CYS A 199 13.70 8.90 2.18
C CYS A 199 13.72 9.39 3.62
N ASP A 200 14.57 8.79 4.47
CA ASP A 200 14.72 9.26 5.83
C ASP A 200 15.33 10.66 5.88
N ILE A 201 16.17 11.00 4.89
CA ILE A 201 16.75 12.35 4.84
C ILE A 201 15.66 13.38 4.55
N TRP A 202 14.76 13.05 3.62
CA TRP A 202 13.64 13.94 3.31
C TRP A 202 12.75 14.14 4.53
N SER A 203 12.37 13.04 5.19
CA SER A 203 11.47 13.13 6.33
C SER A 203 12.07 13.94 7.47
N LEU A 204 13.40 13.94 7.60
CA LEU A 204 14.04 14.81 8.59
C LEU A 204 13.91 16.27 8.21
N GLY A 205 13.94 16.56 6.90
CA GLY A 205 13.73 17.93 6.45
C GLY A 205 12.38 18.48 6.87
N ILE A 206 11.30 17.73 6.57
CA ILE A 206 9.97 18.15 6.99
C ILE A 206 9.90 18.24 8.51
N THR A 207 10.57 17.32 9.20
CA THR A 207 10.58 17.34 10.67
C THR A 207 11.19 18.64 11.19
N ALA A 208 12.28 19.10 10.59
CA ALA A 208 12.87 20.36 10.98
C ALA A 208 11.88 21.51 10.80
N ILE A 209 11.20 21.53 9.65
CA ILE A 209 10.13 22.50 9.45
C ILE A 209 9.02 22.30 10.48
N GLU A 210 8.66 21.04 10.74
CA GLU A 210 7.63 20.75 11.74
C GLU A 210 8.01 21.29 13.11
N LEU A 211 9.28 21.13 13.50
CA LEU A 211 9.73 21.64 14.79
C LEU A 211 9.78 23.15 14.82
N ALA A 212 9.93 23.79 13.67
CA ALA A 212 10.01 25.25 13.59
C ALA A 212 8.66 25.91 13.50
N GLU A 213 7.68 25.27 12.86
CA GLU A 213 6.40 25.90 12.59
C GLU A 213 5.21 25.17 13.21
N LEU A 214 5.48 24.16 14.05
CA LEU A 214 4.48 23.40 14.80
C LEU A 214 3.59 22.54 13.92
N GLN A 215 3.83 22.47 12.61
CA GLN A 215 3.05 21.65 11.71
C GLN A 215 3.93 21.32 10.50
N PRO A 216 3.72 20.18 9.86
CA PRO A 216 4.42 19.92 8.61
C PRO A 216 3.81 20.75 7.49
N PRO A 217 4.53 20.96 6.40
CA PRO A 217 3.93 21.68 5.26
C PRO A 217 2.73 20.93 4.72
N LEU A 218 1.75 21.68 4.23
CA LEU A 218 0.52 21.16 3.64
C LEU A 218 -0.30 20.35 4.64
N PHE A 219 -0.11 20.58 5.95
CA PHE A 219 -0.82 19.81 6.96
C PHE A 219 -2.34 19.97 6.86
N ASP A 220 -2.82 21.14 6.44
CA ASP A 220 -4.24 21.41 6.35
C ASP A 220 -4.84 21.00 5.03
N VAL A 221 -4.08 20.34 4.16
CA VAL A 221 -4.55 19.90 2.86
C VAL A 221 -4.90 18.42 2.95
N HIS A 222 -5.93 18.03 2.19
CA HIS A 222 -6.42 16.66 2.21
C HIS A 222 -5.30 15.68 1.85
N PRO A 223 -5.24 14.51 2.49
CA PRO A 223 -4.12 13.58 2.23
C PRO A 223 -3.97 13.17 0.78
N LEU A 224 -5.08 12.89 0.09
CA LEU A 224 -4.99 12.49 -1.31
C LEU A 224 -4.40 13.60 -2.17
N ARG A 225 -4.92 14.83 -2.03
CA ARG A 225 -4.39 15.96 -2.78
C ARG A 225 -2.90 16.13 -2.57
N VAL A 226 -2.43 16.05 -1.33
CA VAL A 226 -1.01 16.19 -1.05
C VAL A 226 -0.24 15.07 -1.76
N LEU A 227 -0.82 13.88 -1.82
CA LEU A 227 -0.15 12.76 -2.48
C LEU A 227 0.01 13.01 -3.98
N PHE A 228 -1.04 13.51 -4.64
CA PHE A 228 -0.91 13.82 -6.06
C PHE A 228 0.15 14.88 -6.29
N LEU A 229 0.18 15.92 -5.45
CA LEU A 229 1.05 17.06 -5.70
C LEU A 229 2.51 16.69 -5.68
N MET A 230 2.91 15.71 -4.84
CA MET A 230 4.32 15.33 -4.78
C MET A 230 4.74 14.51 -6.00
N THR A 231 3.81 13.81 -6.63
CA THR A 231 4.11 13.01 -7.81
C THR A 231 4.10 13.83 -9.10
N LYS A 232 3.66 15.09 -9.05
CA LYS A 232 3.69 15.93 -10.23
C LYS A 232 5.13 16.34 -10.53
N SER A 233 5.50 16.33 -11.81
CA SER A 233 6.88 16.62 -12.18
C SER A 233 7.30 18.02 -11.74
N GLY A 234 6.35 18.95 -11.68
CA GLY A 234 6.61 20.32 -11.31
C GLY A 234 6.49 20.63 -9.83
N TYR A 235 6.40 19.62 -8.99
CA TYR A 235 6.30 19.85 -7.55
C TYR A 235 7.52 20.61 -7.05
N GLN A 236 7.31 21.52 -6.10
CA GLN A 236 8.40 22.25 -5.47
C GLN A 236 8.54 21.81 -4.03
N PRO A 237 9.75 21.56 -3.56
CA PRO A 237 9.92 21.13 -2.17
C PRO A 237 9.49 22.24 -1.24
N PRO A 238 8.96 21.89 -0.08
CA PRO A 238 8.49 22.92 0.87
C PRO A 238 9.66 23.74 1.39
N ARG A 239 9.30 24.84 2.05
CA ARG A 239 10.28 25.76 2.64
C ARG A 239 9.75 26.30 3.96
N LEU A 240 10.66 26.89 4.72
CA LEU A 240 10.28 27.60 5.94
C LEU A 240 9.51 28.86 5.57
N LYS A 241 8.46 29.14 6.33
CA LYS A 241 7.58 30.27 6.00
C LYS A 241 8.30 31.60 6.20
N GLU A 242 8.71 31.89 7.43
CA GLU A 242 9.33 33.17 7.78
C GLU A 242 10.82 33.06 7.51
N LYS A 243 11.27 33.65 6.40
CA LYS A 243 12.69 33.53 6.02
C LYS A 243 13.59 34.20 7.04
N GLY A 244 13.20 35.37 7.54
CA GLY A 244 14.08 36.14 8.40
C GLY A 244 14.35 35.50 9.75
N LYS A 245 13.41 34.66 10.22
CA LYS A 245 13.54 34.04 11.54
C LYS A 245 14.70 33.05 11.62
N TRP A 246 15.26 32.63 10.48
CA TRP A 246 16.21 31.53 10.45
C TRP A 246 17.45 31.93 9.64
N SER A 247 18.57 31.31 9.97
CA SER A 247 19.84 31.60 9.32
C SER A 247 19.91 30.94 7.95
N ALA A 248 20.90 31.37 7.16
CA ALA A 248 21.11 30.79 5.84
C ALA A 248 21.49 29.32 5.93
N ALA A 249 22.22 28.93 6.98
CA ALA A 249 22.56 27.52 7.17
C ALA A 249 21.32 26.67 7.36
N PHE A 250 20.36 27.15 8.14
CA PHE A 250 19.10 26.42 8.32
C PHE A 250 18.34 26.32 6.99
N HIS A 251 18.20 27.44 6.28
CA HIS A 251 17.53 27.41 4.98
C HIS A 251 18.23 26.46 4.02
N ASN A 252 19.56 26.42 4.04
CA ASN A 252 20.29 25.50 3.17
C ASN A 252 20.10 24.06 3.63
N PHE A 253 20.14 23.83 4.94
CA PHE A 253 19.84 22.50 5.49
C PHE A 253 18.50 21.98 4.98
N ILE A 254 17.50 22.87 4.92
CA ILE A 254 16.19 22.46 4.40
C ILE A 254 16.25 22.23 2.91
N LYS A 255 17.01 23.06 2.18
CA LYS A 255 17.07 22.94 0.73
C LYS A 255 17.73 21.64 0.30
N VAL A 256 18.80 21.24 0.98
CA VAL A 256 19.52 20.06 0.53
C VAL A 256 18.86 18.77 1.04
N THR A 257 18.26 18.79 2.23
CA THR A 257 17.49 17.63 2.68
C THR A 257 16.27 17.42 1.81
N LEU A 258 15.63 18.49 1.37
CA LEU A 258 14.44 18.39 0.53
C LEU A 258 14.82 18.44 -0.95
N THR A 259 15.63 17.45 -1.34
CA THR A 259 15.96 17.24 -2.74
C THR A 259 14.99 16.24 -3.33
N LYS A 260 14.35 16.64 -4.43
CA LYS A 260 13.32 15.80 -5.06
C LYS A 260 13.90 14.47 -5.52
N SER A 261 15.02 14.51 -6.24
CA SER A 261 15.57 13.31 -6.84
C SER A 261 16.27 12.47 -5.79
N PRO A 262 15.91 11.20 -5.62
CA PRO A 262 16.61 10.37 -4.62
C PRO A 262 18.07 10.16 -4.95
N LYS A 263 18.43 10.17 -6.23
CA LYS A 263 19.82 9.95 -6.62
C LYS A 263 20.71 11.15 -6.28
N LYS A 264 20.12 12.34 -6.09
CA LYS A 264 20.88 13.52 -5.71
C LYS A 264 20.67 13.93 -4.25
N ARG A 265 19.83 13.23 -3.50
CA ARG A 265 19.64 13.56 -2.10
C ARG A 265 20.83 13.11 -1.27
N PRO A 266 21.39 13.97 -0.41
CA PRO A 266 22.59 13.58 0.33
C PRO A 266 22.26 12.59 1.45
N SER A 267 23.25 11.77 1.76
CA SER A 267 23.12 10.72 2.77
C SER A 267 23.18 11.30 4.18
N ALA A 268 22.76 10.49 5.15
CA ALA A 268 22.81 10.90 6.55
C ALA A 268 24.23 11.25 6.97
N THR A 269 25.21 10.47 6.49
CA THR A 269 26.60 10.77 6.81
C THR A 269 27.05 12.07 6.17
N LYS A 270 26.65 12.31 4.91
CA LYS A 270 26.94 13.57 4.25
C LYS A 270 26.26 14.73 4.99
N MET A 271 25.04 14.52 5.48
CA MET A 271 24.34 15.58 6.18
C MET A 271 24.94 15.85 7.55
N LEU A 272 25.57 14.85 8.17
CA LEU A 272 26.25 15.09 9.44
C LEU A 272 27.39 16.08 9.30
N SER A 273 27.93 16.22 8.10
CA SER A 273 29.00 17.17 7.81
C SER A 273 28.46 18.54 7.41
N HIS A 274 27.14 18.73 7.46
CA HIS A 274 26.54 20.01 7.09
C HIS A 274 26.77 21.05 8.18
N GLN A 275 26.74 22.32 7.76
CA GLN A 275 27.14 23.40 8.66
C GLN A 275 26.18 23.54 9.84
N LEU A 276 24.89 23.31 9.62
CA LEU A 276 23.91 23.52 10.68
C LEU A 276 24.10 22.57 11.85
N VAL A 277 24.52 21.33 11.58
CA VAL A 277 24.64 20.32 12.62
C VAL A 277 26.07 20.10 13.08
N SER A 278 27.07 20.65 12.39
CA SER A 278 28.47 20.45 12.75
C SER A 278 29.03 21.61 13.55
N GLN A 279 28.19 22.56 13.96
CA GLN A 279 28.69 23.69 14.73
C GLN A 279 28.92 23.29 16.19
N PRO A 280 30.00 23.75 16.80
CA PRO A 280 30.17 23.55 18.24
C PRO A 280 29.11 24.30 19.02
N GLY A 281 28.87 23.85 20.25
CA GLY A 281 27.88 24.44 21.11
C GLY A 281 26.56 23.70 21.17
N LEU A 282 26.37 22.68 20.32
CA LEU A 282 25.16 21.88 20.34
C LEU A 282 25.33 20.75 21.34
N ASN A 283 24.49 20.76 22.38
CA ASN A 283 24.55 19.72 23.41
C ASN A 283 23.19 19.64 24.09
N ARG A 284 23.07 18.66 24.98
CA ARG A 284 21.79 18.38 25.64
C ARG A 284 21.22 19.57 26.39
N GLY A 285 22.07 20.50 26.82
CA GLY A 285 21.58 21.67 27.53
C GLY A 285 20.54 22.46 26.77
N LEU A 286 20.59 22.42 25.44
CA LEU A 286 19.61 23.13 24.63
C LEU A 286 18.19 22.60 24.87
N ILE A 287 18.05 21.28 25.00
CA ILE A 287 16.73 20.71 25.25
C ILE A 287 16.37 20.80 26.73
N LEU A 288 17.37 20.80 27.62
CA LEU A 288 17.09 21.06 29.03
C LEU A 288 16.43 22.41 29.21
N ASP A 289 16.84 23.42 28.44
CA ASP A 289 16.12 24.68 28.42
C ASP A 289 14.68 24.48 27.95
N LEU A 290 14.49 23.65 26.93
CA LEU A 290 13.15 23.39 26.40
C LEU A 290 12.28 22.69 27.44
N LEU A 291 12.79 21.64 28.06
CA LEU A 291 12.03 20.94 29.09
C LEU A 291 11.68 21.85 30.25
N ASP A 292 12.47 22.90 30.49
CA ASP A 292 12.16 23.87 31.52
C ASP A 292 11.00 24.79 31.09
N LYS A 293 10.92 25.08 29.81
CA LYS A 293 9.88 25.90 29.28
C LYS A 293 8.58 25.21 29.54
N LEU A 294 8.59 23.91 29.42
CA LEU A 294 7.41 23.13 29.65
C LEU A 294 6.92 23.16 31.09
N LYS A 295 7.85 23.37 32.01
CA LYS A 295 7.61 23.44 33.45
C LYS A 295 7.36 24.86 33.92
N PRO B 9 -19.01 15.74 -18.47
CA PRO B 9 -19.71 14.60 -17.91
C PRO B 9 -20.99 14.97 -17.16
N ASP B 10 -22.10 14.33 -17.51
CA ASP B 10 -23.39 14.61 -16.89
C ASP B 10 -23.70 13.52 -15.87
N ILE B 11 -23.34 13.78 -14.62
CA ILE B 11 -23.73 12.91 -13.50
C ILE B 11 -25.17 13.26 -13.16
N PHE B 12 -26.12 12.40 -13.59
CA PHE B 12 -27.53 12.68 -13.38
C PHE B 12 -27.82 12.80 -11.90
N ASN B 13 -28.47 13.89 -11.51
CA ASN B 13 -28.69 14.18 -10.09
C ASN B 13 -30.10 13.77 -9.66
N ARG B 14 -30.39 12.49 -9.85
CA ARG B 14 -31.62 11.85 -9.42
C ARG B 14 -31.24 10.56 -8.71
N ASP B 15 -32.25 9.83 -8.35
CA ASP B 15 -32.04 8.48 -7.87
C ASP B 15 -32.15 7.53 -9.05
N PRO B 16 -31.21 6.61 -9.24
CA PRO B 16 -31.35 5.66 -10.36
C PRO B 16 -32.59 4.82 -10.24
N ARG B 17 -33.14 4.67 -9.02
CA ARG B 17 -34.40 3.96 -8.87
C ARG B 17 -35.54 4.65 -9.59
N ASP B 18 -35.36 5.89 -10.04
CA ASP B 18 -36.40 6.56 -10.83
C ASP B 18 -36.48 5.96 -12.24
N HIS B 19 -35.34 5.58 -12.81
CA HIS B 19 -35.27 5.02 -14.16
C HIS B 19 -35.09 3.51 -14.19
N TYR B 20 -34.81 2.85 -13.10
CA TYR B 20 -34.62 1.43 -13.21
C TYR B 20 -35.20 0.76 -12.03
N ASP B 21 -35.63 -0.48 -12.16
CA ASP B 21 -36.12 -1.19 -11.01
C ASP B 21 -34.97 -2.08 -10.64
N LEU B 22 -34.79 -2.34 -9.36
CA LEU B 22 -33.73 -3.19 -8.94
C LEU B 22 -34.24 -4.58 -8.96
N LEU B 23 -33.48 -5.47 -9.56
CA LEU B 23 -33.87 -6.85 -9.60
C LEU B 23 -33.17 -7.80 -8.63
N GLN B 24 -31.85 -7.81 -8.57
CA GLN B 24 -31.16 -8.69 -7.62
C GLN B 24 -29.76 -8.22 -7.33
N ARG B 25 -29.20 -8.62 -6.21
CA ARG B 25 -27.87 -8.19 -5.85
C ARG B 25 -26.89 -9.22 -6.27
N LEU B 26 -25.90 -8.81 -7.04
CA LEU B 26 -24.92 -9.72 -7.61
C LEU B 26 -23.71 -9.93 -6.71
N GLY B 27 -23.32 -8.92 -5.94
CA GLY B 27 -22.18 -9.05 -5.05
C GLY B 27 -21.92 -7.75 -4.34
N GLY B 28 -20.93 -7.78 -3.44
CA GLY B 28 -20.63 -6.60 -2.67
C GLY B 28 -19.21 -6.61 -2.12
N GLY B 29 -18.91 -5.57 -1.37
CA GLY B 29 -17.58 -5.42 -0.79
C GLY B 29 -17.37 -3.98 -0.35
N THR B 30 -16.10 -3.66 -0.09
CA THR B 30 -15.75 -2.28 0.23
C THR B 30 -15.92 -1.37 -0.99
N TYR B 31 -15.76 -1.94 -2.19
CA TYR B 31 -16.01 -1.19 -3.41
C TYR B 31 -17.46 -0.70 -3.47
N GLY B 32 -18.38 -1.53 -3.02
CA GLY B 32 -19.80 -1.19 -3.04
C GLY B 32 -20.63 -2.43 -3.25
N GLU B 33 -21.77 -2.25 -3.90
CA GLU B 33 -22.66 -3.34 -4.26
C GLU B 33 -23.07 -3.18 -5.71
N VAL B 34 -23.45 -4.29 -6.34
CA VAL B 34 -23.87 -4.30 -7.73
C VAL B 34 -25.19 -5.04 -7.84
N PHE B 35 -26.17 -4.43 -8.53
CA PHE B 35 -27.48 -5.04 -8.70
C PHE B 35 -27.75 -5.32 -10.17
N LYS B 36 -28.54 -6.36 -10.42
CA LYS B 36 -29.18 -6.55 -11.72
C LYS B 36 -30.43 -5.68 -11.78
N ALA B 37 -30.55 -4.86 -12.82
CA ALA B 37 -31.68 -3.92 -12.89
C ALA B 37 -32.18 -3.76 -14.33
N ARG B 38 -33.38 -3.20 -14.50
CA ARG B 38 -33.97 -3.04 -15.86
C ARG B 38 -34.55 -1.63 -16.03
N ASP B 39 -34.38 -1.04 -17.21
CA ASP B 39 -34.96 0.30 -17.50
C ASP B 39 -36.48 0.20 -17.46
N LYS B 40 -37.15 1.22 -16.92
CA LYS B 40 -38.62 1.13 -16.73
C LYS B 40 -39.35 1.46 -18.04
N VAL B 41 -38.61 1.79 -19.10
CA VAL B 41 -39.26 2.03 -20.42
C VAL B 41 -38.54 1.18 -21.47
N SER B 42 -37.22 1.34 -21.59
CA SER B 42 -36.43 0.55 -22.56
C SER B 42 -36.64 -0.96 -22.34
N GLY B 43 -36.84 -1.38 -21.10
CA GLY B 43 -36.99 -2.81 -20.79
C GLY B 43 -35.67 -3.53 -20.94
N ASP B 44 -34.58 -2.78 -21.04
CA ASP B 44 -33.25 -3.40 -21.26
C ASP B 44 -32.59 -3.64 -19.89
N LEU B 45 -31.75 -4.67 -19.78
CA LEU B 45 -31.15 -5.03 -18.47
C LEU B 45 -29.81 -4.34 -18.30
N VAL B 46 -29.46 -4.00 -17.07
CA VAL B 46 -28.22 -3.28 -16.77
C VAL B 46 -27.66 -3.73 -15.43
N ALA B 47 -26.38 -3.44 -15.22
CA ALA B 47 -25.74 -3.60 -13.93
C ALA B 47 -25.56 -2.24 -13.25
N LEU B 48 -25.87 -2.19 -11.96
CA LEU B 48 -25.86 -0.94 -11.20
C LEU B 48 -24.92 -1.08 -10.00
N LYS B 49 -23.74 -0.46 -10.09
CA LYS B 49 -22.78 -0.47 -8.99
C LYS B 49 -23.03 0.76 -8.12
N MET B 50 -23.33 0.54 -6.84
CA MET B 50 -23.58 1.62 -5.90
C MET B 50 -22.39 1.76 -4.96
N VAL B 51 -21.79 2.95 -4.95
CA VAL B 51 -20.64 3.26 -4.10
C VAL B 51 -21.06 4.31 -3.08
N LYS B 52 -20.88 4.01 -1.80
CA LYS B 52 -21.26 4.92 -0.73
C LYS B 52 -20.23 6.03 -0.61
N MET B 53 -20.69 7.26 -0.69
CA MET B 53 -19.83 8.41 -0.59
C MET B 53 -19.46 8.78 0.83
N GLU B 54 -18.41 9.58 0.93
CA GLU B 54 -17.91 10.07 2.20
C GLU B 54 -17.90 11.56 2.10
N PRO B 55 -17.82 12.20 3.23
CA PRO B 55 -17.89 13.64 3.31
C PRO B 55 -16.78 14.32 2.55
N ASP B 56 -15.58 13.81 2.62
CA ASP B 56 -14.44 14.41 1.96
C ASP B 56 -14.39 14.29 0.46
N ASP B 57 -15.23 13.44 -0.10
CA ASP B 57 -15.20 13.22 -1.56
C ASP B 57 -15.64 14.51 -2.27
N ASP B 58 -14.98 14.87 -3.38
CA ASP B 58 -15.28 16.13 -4.11
C ASP B 58 -16.00 15.85 -5.43
N VAL B 59 -16.70 16.84 -5.97
CA VAL B 59 -17.31 16.69 -7.32
C VAL B 59 -16.16 16.72 -8.34
N SER B 60 -15.09 17.45 -8.00
CA SER B 60 -13.90 17.50 -8.87
C SER B 60 -13.37 16.07 -9.05
N THR B 61 -12.89 15.47 -7.97
CA THR B 61 -12.32 14.13 -8.07
C THR B 61 -13.33 13.18 -8.70
N LEU B 62 -14.61 13.36 -8.36
CA LEU B 62 -15.66 12.53 -8.94
C LEU B 62 -15.76 12.71 -10.44
N GLN B 63 -15.96 13.95 -10.90
CA GLN B 63 -16.12 14.19 -12.33
C GLN B 63 -14.89 13.79 -13.13
N LYS B 64 -13.70 14.01 -12.57
CA LYS B 64 -12.49 13.52 -13.23
C LYS B 64 -12.58 12.03 -13.47
N GLU B 65 -13.05 11.29 -12.47
CA GLU B 65 -13.15 9.84 -12.59
C GLU B 65 -14.27 9.43 -13.53
N ILE B 66 -15.38 10.17 -13.56
CA ILE B 66 -16.51 9.75 -14.38
C ILE B 66 -16.22 9.95 -15.86
N LEU B 67 -15.40 10.94 -16.21
CA LEU B 67 -15.01 11.11 -17.60
C LEU B 67 -14.16 9.95 -18.08
N ILE B 68 -13.34 9.38 -17.18
CA ILE B 68 -12.56 8.19 -17.52
C ILE B 68 -13.47 7.05 -17.96
N LEU B 69 -14.58 6.85 -17.26
CA LEU B 69 -15.51 5.78 -17.62
C LEU B 69 -16.17 6.06 -18.97
N LYS B 70 -16.56 7.32 -19.20
CA LYS B 70 -17.17 7.68 -20.48
C LYS B 70 -16.17 7.52 -21.62
N THR B 71 -14.90 7.87 -21.38
CA THR B 71 -13.89 7.87 -22.44
C THR B 71 -13.52 6.45 -22.86
N CYS B 72 -13.50 5.51 -21.91
CA CYS B 72 -13.07 4.13 -22.20
C CYS B 72 -14.18 3.38 -22.92
N ARG B 73 -14.02 3.19 -24.23
CA ARG B 73 -15.03 2.55 -25.07
C ARG B 73 -14.37 1.42 -25.86
N HIS B 74 -14.61 0.18 -25.46
CA HIS B 74 -14.15 -0.96 -26.23
C HIS B 74 -15.12 -2.12 -26.02
N ALA B 75 -15.25 -2.97 -27.05
CA ALA B 75 -16.19 -4.08 -26.97
C ALA B 75 -15.82 -5.06 -25.85
N ASN B 76 -14.53 -5.19 -25.55
CA ASN B 76 -14.08 -6.08 -24.50
C ASN B 76 -14.02 -5.41 -23.14
N ILE B 77 -14.39 -4.14 -23.05
CA ILE B 77 -14.55 -3.45 -21.78
C ILE B 77 -16.05 -3.26 -21.55
N VAL B 78 -16.50 -3.52 -20.33
CA VAL B 78 -17.92 -3.39 -20.04
C VAL B 78 -18.36 -1.95 -20.26
N ALA B 79 -19.43 -1.79 -21.03
CA ALA B 79 -19.84 -0.47 -21.48
C ALA B 79 -20.38 0.38 -20.34
N TYR B 80 -20.04 1.67 -20.37
CA TYR B 80 -20.58 2.64 -19.43
C TYR B 80 -21.77 3.34 -20.06
N HIS B 81 -22.89 3.38 -19.34
CA HIS B 81 -24.13 3.98 -19.83
C HIS B 81 -24.37 5.35 -19.22
N GLY B 82 -24.22 5.45 -17.90
CA GLY B 82 -24.38 6.70 -17.19
C GLY B 82 -24.17 6.44 -15.72
N SER B 83 -24.17 7.52 -14.94
CA SER B 83 -23.99 7.40 -13.50
C SER B 83 -24.79 8.48 -12.79
N TYR B 84 -25.16 8.20 -11.54
CA TYR B 84 -26.07 9.04 -10.77
C TYR B 84 -25.47 9.35 -9.41
N LEU B 85 -25.87 10.46 -8.84
CA LEU B 85 -25.47 10.88 -7.52
C LEU B 85 -26.70 11.32 -6.76
N TRP B 86 -27.04 10.64 -5.69
CA TRP B 86 -28.19 11.02 -4.92
C TRP B 86 -27.86 10.72 -3.50
N LEU B 87 -28.41 11.49 -2.59
CA LEU B 87 -28.17 11.28 -1.17
C LEU B 87 -26.68 11.21 -0.95
N GLN B 88 -26.21 10.20 -0.24
CA GLN B 88 -24.75 10.07 -0.09
C GLN B 88 -24.25 8.87 -0.88
N LYS B 89 -24.94 8.53 -1.96
CA LYS B 89 -24.58 7.29 -2.70
C LYS B 89 -24.41 7.58 -4.20
N LEU B 90 -23.31 7.11 -4.78
CA LEU B 90 -23.11 7.24 -6.24
C LEU B 90 -23.45 5.90 -6.89
N TRP B 91 -24.10 5.94 -8.05
CA TRP B 91 -24.49 4.71 -8.76
C TRP B 91 -23.89 4.73 -10.17
N ILE B 92 -23.26 3.62 -10.58
CA ILE B 92 -22.64 3.52 -11.93
C ILE B 92 -23.47 2.52 -12.73
N CYS B 93 -24.02 2.96 -13.86
CA CYS B 93 -24.84 2.13 -14.73
C CYS B 93 -23.95 1.56 -15.83
N MET B 94 -23.94 0.23 -15.95
CA MET B 94 -23.01 -0.46 -16.83
C MET B 94 -23.73 -1.52 -17.65
N GLU B 95 -23.02 -2.03 -18.66
CA GLU B 95 -23.49 -3.18 -19.42
C GLU B 95 -23.65 -4.39 -18.52
N PHE B 96 -24.69 -5.18 -18.77
CA PHE B 96 -24.98 -6.36 -17.98
C PHE B 96 -24.54 -7.62 -18.73
N CYS B 97 -23.85 -8.51 -18.04
CA CYS B 97 -23.35 -9.77 -18.59
C CYS B 97 -24.01 -10.91 -17.81
N GLY B 98 -24.92 -11.63 -18.48
CA GLY B 98 -25.83 -12.56 -17.84
C GLY B 98 -25.27 -13.89 -17.40
N ALA B 99 -24.00 -14.19 -17.67
CA ALA B 99 -23.39 -15.45 -17.27
C ALA B 99 -22.41 -15.31 -16.12
N GLY B 100 -22.31 -14.13 -15.52
CA GLY B 100 -21.39 -13.96 -14.41
C GLY B 100 -19.93 -13.96 -14.84
N SER B 101 -19.08 -14.27 -13.87
CA SER B 101 -17.64 -14.33 -14.10
C SER B 101 -17.25 -15.70 -14.62
N LEU B 102 -16.06 -15.78 -15.21
CA LEU B 102 -15.50 -17.09 -15.54
C LEU B 102 -15.28 -17.91 -14.28
N GLN B 103 -15.02 -17.25 -13.14
CA GLN B 103 -14.91 -17.97 -11.89
C GLN B 103 -16.25 -18.56 -11.46
N ASP B 104 -17.34 -17.79 -11.59
CA ASP B 104 -18.67 -18.35 -11.35
C ASP B 104 -18.93 -19.56 -12.24
N ILE B 105 -18.36 -19.57 -13.44
CA ILE B 105 -18.68 -20.63 -14.39
C ILE B 105 -17.85 -21.88 -14.12
N TYR B 106 -16.51 -21.74 -14.05
CA TYR B 106 -15.68 -22.94 -13.90
C TYR B 106 -15.85 -23.59 -12.55
N GLN B 107 -16.36 -22.85 -11.55
CA GLN B 107 -16.69 -23.48 -10.27
C GLN B 107 -17.82 -24.49 -10.40
N VAL B 108 -18.58 -24.43 -11.49
CA VAL B 108 -19.63 -25.40 -11.78
C VAL B 108 -19.23 -26.36 -12.90
N THR B 109 -18.64 -25.83 -13.97
CA THR B 109 -18.34 -26.65 -15.15
C THR B 109 -17.02 -27.40 -15.04
N GLY B 110 -16.09 -26.92 -14.23
CA GLY B 110 -14.76 -27.47 -14.21
C GLY B 110 -13.83 -26.76 -15.18
N SER B 111 -12.66 -27.35 -15.37
CA SER B 111 -11.61 -26.72 -16.18
C SER B 111 -12.10 -26.45 -17.59
N LEU B 112 -11.62 -25.33 -18.16
CA LEU B 112 -11.95 -24.99 -19.53
C LEU B 112 -11.04 -25.74 -20.50
N SER B 113 -11.52 -25.89 -21.73
CA SER B 113 -10.69 -26.46 -22.78
C SER B 113 -9.65 -25.44 -23.24
N GLU B 114 -8.59 -25.95 -23.87
CA GLU B 114 -7.55 -25.05 -24.38
C GLU B 114 -8.10 -24.07 -25.40
N LEU B 115 -9.04 -24.52 -26.24
CA LEU B 115 -9.64 -23.63 -27.23
C LEU B 115 -10.44 -22.52 -26.56
N GLN B 116 -11.28 -22.88 -25.58
CA GLN B 116 -12.02 -21.86 -24.84
C GLN B 116 -11.08 -20.87 -24.17
N ILE B 117 -10.01 -21.37 -23.55
CA ILE B 117 -9.06 -20.50 -22.88
C ILE B 117 -8.39 -19.57 -23.87
N SER B 118 -8.07 -20.09 -25.07
CA SER B 118 -7.43 -19.26 -26.09
C SER B 118 -8.36 -18.12 -26.53
N TYR B 119 -9.64 -18.42 -26.73
CA TYR B 119 -10.59 -17.39 -27.12
C TYR B 119 -10.73 -16.33 -26.03
N VAL B 120 -10.81 -16.76 -24.77
CA VAL B 120 -10.88 -15.80 -23.67
C VAL B 120 -9.62 -14.93 -23.63
N CYS B 121 -8.45 -15.55 -23.79
CA CYS B 121 -7.21 -14.80 -23.72
C CYS B 121 -7.10 -13.78 -24.85
N ARG B 122 -7.56 -14.14 -26.05
CA ARG B 122 -7.53 -13.19 -27.17
C ARG B 122 -8.47 -12.02 -26.89
N GLU B 123 -9.65 -12.30 -26.34
CA GLU B 123 -10.60 -11.24 -26.04
C GLU B 123 -10.08 -10.32 -24.95
N VAL B 124 -9.44 -10.88 -23.92
CA VAL B 124 -8.89 -10.06 -22.85
C VAL B 124 -7.72 -9.23 -23.37
N LEU B 125 -6.86 -9.82 -24.20
CA LEU B 125 -5.72 -9.08 -24.75
C LEU B 125 -6.18 -7.90 -25.60
N GLN B 126 -7.28 -8.07 -26.35
CA GLN B 126 -7.81 -6.96 -27.15
C GLN B 126 -8.22 -5.80 -26.26
N GLY B 127 -8.93 -6.08 -25.18
CA GLY B 127 -9.28 -5.03 -24.23
C GLY B 127 -8.06 -4.45 -23.54
N LEU B 128 -7.14 -5.32 -23.10
CA LEU B 128 -5.92 -4.85 -22.47
C LEU B 128 -5.13 -3.93 -23.40
N ALA B 129 -5.06 -4.29 -24.69
CA ALA B 129 -4.37 -3.44 -25.65
C ALA B 129 -5.03 -2.07 -25.75
N TYR B 130 -6.35 -2.02 -25.66
CA TYR B 130 -7.04 -0.74 -25.69
C TYR B 130 -6.78 0.05 -24.41
N LEU B 131 -6.79 -0.62 -23.25
CA LEU B 131 -6.56 0.06 -21.99
C LEU B 131 -5.15 0.64 -21.94
N HIS B 132 -4.16 -0.11 -22.44
CA HIS B 132 -2.79 0.37 -22.42
C HIS B 132 -2.58 1.52 -23.40
N SER B 133 -3.35 1.57 -24.49
CA SER B 133 -3.26 2.69 -25.40
C SER B 133 -3.68 3.99 -24.74
N GLN B 134 -4.67 3.92 -23.84
CA GLN B 134 -5.12 5.08 -23.07
C GLN B 134 -4.26 5.32 -21.84
N LYS B 135 -3.08 4.71 -21.80
CA LYS B 135 -2.14 4.82 -20.68
C LYS B 135 -2.79 4.36 -19.38
N LYS B 136 -3.64 3.35 -19.47
CA LYS B 136 -4.32 2.79 -18.30
C LYS B 136 -3.78 1.41 -17.96
N ILE B 137 -4.01 1.02 -16.71
CA ILE B 137 -3.61 -0.28 -16.19
C ILE B 137 -4.79 -0.87 -15.43
N HIS B 138 -5.23 -2.06 -15.80
CA HIS B 138 -6.38 -2.67 -15.16
C HIS B 138 -6.12 -2.99 -13.73
N ARG B 139 -4.99 -3.65 -13.53
CA ARG B 139 -4.46 -4.04 -12.24
C ARG B 139 -4.99 -5.28 -11.57
N ASP B 140 -6.09 -5.82 -12.04
CA ASP B 140 -6.66 -6.99 -11.43
C ASP B 140 -7.24 -7.92 -12.45
N ILE B 141 -6.40 -8.47 -13.29
CA ILE B 141 -6.88 -9.39 -14.29
C ILE B 141 -6.95 -10.75 -13.63
N LYS B 142 -8.14 -11.27 -13.51
CA LYS B 142 -8.35 -12.55 -12.92
C LYS B 142 -9.67 -13.13 -13.37
N GLY B 143 -9.83 -14.43 -13.23
CA GLY B 143 -11.06 -15.06 -13.69
C GLY B 143 -12.31 -14.45 -13.08
N ALA B 144 -12.21 -13.97 -11.84
CA ALA B 144 -13.36 -13.38 -11.18
C ALA B 144 -13.75 -12.02 -11.77
N ASN B 145 -12.84 -11.39 -12.51
CA ASN B 145 -13.11 -10.08 -13.11
C ASN B 145 -13.31 -10.17 -14.62
N ILE B 146 -13.40 -11.36 -15.19
CA ILE B 146 -13.66 -11.54 -16.61
C ILE B 146 -15.12 -11.99 -16.74
N LEU B 147 -15.95 -11.13 -17.31
CA LEU B 147 -17.38 -11.37 -17.40
C LEU B 147 -17.75 -12.03 -18.72
N ILE B 148 -18.94 -12.65 -18.72
CA ILE B 148 -19.43 -13.37 -19.92
C ILE B 148 -20.92 -13.10 -20.10
N ASN B 149 -21.34 -12.82 -21.33
CA ASN B 149 -22.77 -12.57 -21.64
C ASN B 149 -23.42 -13.83 -22.20
N ASP B 150 -24.71 -13.77 -22.49
CA ASP B 150 -25.48 -14.94 -22.99
C ASP B 150 -25.07 -15.22 -24.43
N ALA B 151 -24.29 -14.34 -25.04
CA ALA B 151 -23.83 -14.53 -26.42
C ALA B 151 -22.46 -15.21 -26.43
N GLY B 152 -21.89 -15.42 -25.26
CA GLY B 152 -20.55 -16.04 -25.15
C GLY B 152 -19.47 -15.04 -25.39
N GLU B 153 -19.76 -13.77 -25.09
CA GLU B 153 -18.78 -12.70 -25.37
C GLU B 153 -18.03 -12.35 -24.08
N VAL B 154 -16.87 -11.71 -24.22
CA VAL B 154 -16.00 -11.44 -23.08
C VAL B 154 -15.92 -9.94 -22.84
N ARG B 155 -16.16 -9.53 -21.59
CA ARG B 155 -16.06 -8.15 -21.14
C ARG B 155 -15.25 -8.07 -19.86
N LEU B 156 -14.30 -7.15 -19.81
CA LEU B 156 -13.50 -6.92 -18.62
C LEU B 156 -14.25 -5.98 -17.67
N ALA B 157 -14.42 -6.42 -16.43
CA ALA B 157 -14.94 -5.56 -15.38
C ALA B 157 -13.80 -4.81 -14.69
N ASP B 158 -14.11 -3.64 -14.16
CA ASP B 158 -13.12 -2.80 -13.51
C ASP B 158 -13.69 -2.22 -12.23
N PHE B 159 -12.99 -2.43 -11.11
CA PHE B 159 -13.40 -1.92 -9.81
C PHE B 159 -12.50 -0.78 -9.33
N GLY B 160 -11.81 -0.10 -10.25
CA GLY B 160 -10.84 0.90 -9.84
C GLY B 160 -11.48 2.14 -9.25
N ILE B 161 -12.69 2.49 -9.71
CA ILE B 161 -13.37 3.71 -9.29
C ILE B 161 -13.48 3.82 -7.79
N SER B 162 -13.60 2.69 -7.08
CA SER B 162 -13.79 2.75 -5.64
C SER B 162 -12.51 3.05 -4.89
N ALA B 163 -11.35 2.73 -5.46
CA ALA B 163 -10.09 3.04 -4.79
C ALA B 163 -9.77 4.53 -4.84
N GLN B 164 -10.59 5.29 -5.54
CA GLN B 164 -10.30 6.73 -5.72
C GLN B 164 -11.39 7.57 -5.04
N ILE B 165 -12.40 6.91 -4.48
CA ILE B 165 -13.49 7.64 -3.78
C ILE B 165 -14.20 6.71 -2.81
N GLY B 166 -14.67 7.24 -1.69
CA GLY B 166 -15.49 6.44 -0.77
C GLY B 166 -14.74 5.62 0.25
N ALA B 167 -15.31 4.48 0.63
CA ALA B 167 -14.73 3.65 1.70
C ALA B 167 -13.40 3.03 1.27
N GLU B 168 -13.27 2.54 0.04
CA GLU B 168 -11.93 2.04 -0.28
C GLU B 168 -10.88 3.13 -0.13
N LEU B 169 -11.18 4.33 -0.62
CA LEU B 169 -10.27 5.45 -0.48
C LEU B 169 -9.94 5.72 0.98
N ALA B 170 -10.93 5.60 1.88
CA ALA B 170 -10.68 5.80 3.30
C ALA B 170 -9.80 4.70 3.87
N ARG B 171 -10.13 3.45 3.57
CA ARG B 171 -9.33 2.33 4.08
C ARG B 171 -7.94 2.35 3.46
N ARG B 172 -7.85 2.71 2.18
CA ARG B 172 -6.56 2.86 1.51
C ARG B 172 -5.73 3.96 2.15
N LEU B 173 -6.33 5.14 2.37
CA LEU B 173 -5.58 6.22 3.00
C LEU B 173 -5.09 5.83 4.39
N GLU B 174 -5.95 5.14 5.15
CA GLU B 174 -5.54 4.65 6.46
C GLU B 174 -4.39 3.65 6.34
N PHE B 175 -4.28 2.99 5.18
CA PHE B 175 -3.23 2.04 4.86
C PHE B 175 -1.92 2.74 4.50
N ILE B 176 -1.98 3.79 3.68
CA ILE B 176 -0.77 4.59 3.41
C ILE B 176 -0.36 5.38 4.65
N GLY B 177 -1.32 5.71 5.52
CA GLY B 177 -1.08 6.56 6.67
C GLY B 177 -0.86 8.02 6.31
N THR B 178 -0.50 8.79 7.34
CA THR B 178 -0.30 10.22 7.18
C THR B 178 0.81 10.49 6.16
N PRO B 179 0.59 11.38 5.19
CA PRO B 179 1.56 11.56 4.10
C PRO B 179 2.46 12.79 4.15
N TYR B 180 2.38 13.62 5.20
CA TYR B 180 3.04 14.92 5.13
C TYR B 180 4.56 14.80 5.24
N TRP B 181 5.07 13.82 5.98
CA TRP B 181 6.51 13.62 6.09
C TRP B 181 7.08 12.74 4.97
N MET B 182 6.23 12.17 4.13
CA MET B 182 6.69 11.21 3.14
C MET B 182 7.57 11.87 2.08
N ALA B 183 8.60 11.13 1.67
CA ALA B 183 9.41 11.57 0.53
C ALA B 183 8.59 11.41 -0.74
N PRO B 184 8.89 12.19 -1.79
CA PRO B 184 8.07 12.12 -3.00
C PRO B 184 8.16 10.78 -3.71
N GLU B 185 9.29 10.08 -3.61
CA GLU B 185 9.39 8.75 -4.22
C GLU B 185 8.57 7.72 -3.46
N VAL B 186 8.45 7.88 -2.15
CA VAL B 186 7.55 7.02 -1.38
C VAL B 186 6.10 7.34 -1.73
N ALA B 187 5.78 8.63 -1.91
CA ALA B 187 4.43 9.02 -2.28
C ALA B 187 4.02 8.44 -3.63
N ALA B 188 4.94 8.41 -4.60
CA ALA B 188 4.62 7.89 -5.92
C ALA B 188 4.34 6.39 -5.87
N VAL B 189 5.13 5.65 -5.10
CA VAL B 189 4.92 4.21 -5.00
C VAL B 189 3.69 3.89 -4.16
N ALA B 190 3.29 4.82 -3.31
CA ALA B 190 2.10 4.59 -2.48
C ALA B 190 0.81 4.86 -3.26
N LEU B 191 0.90 5.56 -4.38
CA LEU B 191 -0.35 5.93 -5.11
C LEU B 191 -0.54 5.00 -6.31
N LYS B 192 0.53 4.49 -6.89
CA LYS B 192 0.41 3.67 -8.11
C LYS B 192 1.37 2.50 -8.01
N GLY B 193 2.65 2.79 -7.88
CA GLY B 193 3.65 1.71 -7.72
C GLY B 193 4.79 1.90 -8.68
N GLY B 194 5.90 1.22 -8.45
CA GLY B 194 7.05 1.29 -9.35
C GLY B 194 6.98 0.20 -10.39
N TYR B 195 5.96 0.24 -11.23
CA TYR B 195 5.85 -0.71 -12.32
C TYR B 195 5.07 -0.06 -13.46
N ASN B 196 4.81 -0.85 -14.50
CA ASN B 196 4.18 -0.37 -15.72
C ASN B 196 3.02 -1.29 -16.10
N GLU B 197 2.37 -0.97 -17.23
CA GLU B 197 1.19 -1.69 -17.69
C GLU B 197 1.46 -3.17 -17.98
N LEU B 198 2.72 -3.57 -18.14
CA LEU B 198 3.01 -4.95 -18.51
C LEU B 198 2.71 -5.94 -17.40
N CYS B 199 2.39 -5.47 -16.19
CA CYS B 199 1.98 -6.38 -15.12
C CYS B 199 0.66 -7.06 -15.44
N ASP B 200 -0.18 -6.44 -16.26
CA ASP B 200 -1.41 -7.09 -16.69
C ASP B 200 -1.15 -8.31 -17.55
N ILE B 201 -0.03 -8.32 -18.29
CA ILE B 201 0.31 -9.49 -19.09
C ILE B 201 0.63 -10.68 -18.19
N TRP B 202 1.35 -10.44 -17.10
CA TRP B 202 1.62 -11.51 -16.13
C TRP B 202 0.33 -12.04 -15.53
N SER B 203 -0.54 -11.14 -15.07
CA SER B 203 -1.79 -11.56 -14.43
C SER B 203 -2.67 -12.35 -15.39
N LEU B 204 -2.57 -12.07 -16.69
CA LEU B 204 -3.28 -12.89 -17.66
C LEU B 204 -2.68 -14.28 -17.77
N GLY B 205 -1.36 -14.39 -17.59
CA GLY B 205 -0.74 -15.70 -17.56
C GLY B 205 -1.27 -16.59 -16.45
N ILE B 206 -1.27 -16.07 -15.22
CA ILE B 206 -1.83 -16.82 -14.09
C ILE B 206 -3.31 -17.09 -14.33
N THR B 207 -4.02 -16.13 -14.95
CA THR B 207 -5.43 -16.34 -15.24
C THR B 207 -5.65 -17.53 -16.16
N ALA B 208 -4.80 -17.68 -17.18
CA ALA B 208 -4.91 -18.84 -18.06
C ALA B 208 -4.72 -20.14 -17.29
N ILE B 209 -3.71 -20.18 -16.41
CA ILE B 209 -3.53 -21.33 -15.52
C ILE B 209 -4.75 -21.51 -14.63
N GLU B 210 -5.28 -20.41 -14.10
CA GLU B 210 -6.47 -20.48 -13.27
C GLU B 210 -7.64 -21.11 -14.02
N LEU B 211 -7.82 -20.75 -15.29
CA LEU B 211 -8.91 -21.31 -16.07
C LEU B 211 -8.66 -22.78 -16.41
N ALA B 212 -7.40 -23.20 -16.46
CA ALA B 212 -7.07 -24.57 -16.80
C ALA B 212 -7.05 -25.52 -15.61
N GLU B 213 -6.68 -25.04 -14.42
CA GLU B 213 -6.49 -25.88 -13.25
C GLU B 213 -7.40 -25.50 -12.09
N LEU B 214 -8.33 -24.57 -12.30
CA LEU B 214 -9.35 -24.09 -11.36
C LEU B 214 -8.79 -23.25 -10.20
N GLN B 215 -7.49 -23.02 -10.14
CA GLN B 215 -6.87 -22.22 -9.09
C GLN B 215 -5.57 -21.63 -9.64
N PRO B 216 -5.16 -20.45 -9.16
CA PRO B 216 -3.86 -19.93 -9.53
C PRO B 216 -2.75 -20.70 -8.84
N PRO B 217 -1.51 -20.62 -9.32
CA PRO B 217 -0.40 -21.28 -8.61
C PRO B 217 -0.24 -20.72 -7.21
N LEU B 218 0.21 -21.61 -6.30
CA LEU B 218 0.48 -21.28 -4.90
C LEU B 218 -0.77 -20.85 -4.14
N PHE B 219 -1.96 -21.24 -4.62
CA PHE B 219 -3.19 -20.82 -3.96
C PHE B 219 -3.28 -21.33 -2.53
N ASP B 220 -2.72 -22.50 -2.25
CA ASP B 220 -2.75 -23.09 -0.93
C ASP B 220 -1.62 -22.60 -0.04
N VAL B 221 -0.83 -21.63 -0.51
CA VAL B 221 0.27 -21.05 0.25
C VAL B 221 -0.20 -19.75 0.87
N HIS B 222 0.29 -19.45 2.06
CA HIS B 222 -0.10 -18.24 2.76
C HIS B 222 0.24 -17.02 1.92
N PRO B 223 -0.62 -15.99 1.89
CA PRO B 223 -0.37 -14.84 1.00
C PRO B 223 0.97 -14.17 1.22
N LEU B 224 1.37 -13.97 2.46
CA LEU B 224 2.64 -13.31 2.71
C LEU B 224 3.80 -14.03 2.16
N ARG B 225 3.78 -15.35 2.32
CA ARG B 225 4.82 -16.19 1.83
C ARG B 225 4.92 -16.11 0.34
N VAL B 226 3.78 -16.04 -0.33
CA VAL B 226 3.77 -15.92 -1.75
C VAL B 226 4.44 -14.61 -2.13
N LEU B 227 4.25 -13.57 -1.32
CA LEU B 227 4.85 -12.28 -1.64
C LEU B 227 6.38 -12.34 -1.52
N PHE B 228 6.89 -12.93 -0.43
CA PHE B 228 8.33 -13.09 -0.27
C PHE B 228 8.94 -13.93 -1.39
N LEU B 229 8.28 -15.04 -1.74
CA LEU B 229 8.82 -15.97 -2.72
C LEU B 229 8.97 -15.34 -4.09
N MET B 230 8.07 -14.43 -4.49
CA MET B 230 8.20 -13.78 -5.78
C MET B 230 9.29 -12.70 -5.80
N THR B 231 9.64 -12.13 -4.65
CA THR B 231 10.71 -11.15 -4.60
C THR B 231 12.09 -11.77 -4.53
N LYS B 232 12.17 -13.09 -4.35
CA LYS B 232 13.47 -13.75 -4.32
C LYS B 232 14.07 -13.81 -5.72
N SER B 233 15.38 -13.54 -5.80
CA SER B 233 16.06 -13.47 -7.08
C SER B 233 16.01 -14.79 -7.85
N GLY B 234 15.96 -15.91 -7.13
CA GLY B 234 15.92 -17.21 -7.78
C GLY B 234 14.54 -17.76 -8.07
N TYR B 235 13.50 -16.96 -7.90
CA TYR B 235 12.14 -17.39 -8.18
C TYR B 235 11.99 -17.78 -9.64
N GLN B 236 11.24 -18.86 -9.89
CA GLN B 236 10.92 -19.21 -11.26
C GLN B 236 9.41 -19.08 -11.49
N PRO B 237 9.01 -18.52 -12.63
CA PRO B 237 7.58 -18.34 -12.88
C PRO B 237 6.89 -19.69 -12.95
N PRO B 238 5.63 -19.76 -12.52
CA PRO B 238 4.91 -21.04 -12.53
C PRO B 238 4.70 -21.58 -13.94
N ARG B 239 4.26 -22.82 -14.00
CA ARG B 239 3.97 -23.49 -15.26
C ARG B 239 2.75 -24.37 -15.07
N LEU B 240 2.19 -24.84 -16.18
CA LEU B 240 1.10 -25.80 -16.12
C LEU B 240 1.59 -27.11 -15.56
N LYS B 241 0.79 -27.72 -14.67
CA LYS B 241 1.22 -28.94 -14.00
C LYS B 241 1.27 -30.12 -14.96
N GLU B 242 0.13 -30.47 -15.55
CA GLU B 242 0.08 -31.63 -16.45
C GLU B 242 0.57 -31.20 -17.82
N LYS B 243 1.80 -31.61 -18.14
CA LYS B 243 2.45 -31.21 -19.38
C LYS B 243 1.69 -31.74 -20.60
N GLY B 244 1.20 -32.98 -20.55
CA GLY B 244 0.59 -33.58 -21.72
C GLY B 244 -0.75 -32.98 -22.10
N LYS B 245 -1.48 -32.43 -21.12
CA LYS B 245 -2.83 -31.94 -21.38
C LYS B 245 -2.87 -30.74 -22.34
N TRP B 246 -1.75 -30.08 -22.58
CA TRP B 246 -1.75 -28.82 -23.32
C TRP B 246 -0.69 -28.85 -24.41
N SER B 247 -0.94 -28.07 -25.46
CA SER B 247 -0.07 -28.02 -26.61
C SER B 247 1.15 -27.14 -26.30
N ALA B 248 2.15 -27.23 -27.19
CA ALA B 248 3.36 -26.43 -27.02
C ALA B 248 3.07 -24.94 -27.13
N ALA B 249 2.09 -24.55 -27.95
CA ALA B 249 1.72 -23.14 -28.03
C ALA B 249 1.18 -22.63 -26.70
N PHE B 250 0.36 -23.45 -26.03
CA PHE B 250 -0.15 -23.07 -24.72
C PHE B 250 1.00 -22.93 -23.71
N HIS B 251 1.90 -23.92 -23.67
CA HIS B 251 3.04 -23.85 -22.78
C HIS B 251 3.90 -22.63 -23.08
N ASN B 252 4.10 -22.31 -24.37
CA ASN B 252 4.88 -21.13 -24.72
C ASN B 252 4.14 -19.85 -24.35
N PHE B 253 2.83 -19.81 -24.61
CA PHE B 253 2.02 -18.68 -24.15
C PHE B 253 2.20 -18.45 -22.66
N ILE B 254 2.25 -19.53 -21.88
CA ILE B 254 2.48 -19.42 -20.44
C ILE B 254 3.91 -18.95 -20.16
N LYS B 255 4.87 -19.45 -20.93
CA LYS B 255 6.27 -19.11 -20.67
C LYS B 255 6.55 -17.63 -20.91
N VAL B 256 6.00 -17.07 -21.99
CA VAL B 256 6.36 -15.70 -22.36
C VAL B 256 5.55 -14.67 -21.56
N THR B 257 4.28 -14.96 -21.24
CA THR B 257 3.53 -14.07 -20.36
C THR B 257 4.14 -14.03 -18.97
N LEU B 258 4.62 -15.17 -18.49
CA LEU B 258 5.22 -15.26 -17.16
C LEU B 258 6.73 -15.04 -17.24
N THR B 259 7.09 -13.85 -17.71
CA THR B 259 8.47 -13.40 -17.70
C THR B 259 8.72 -12.59 -16.43
N LYS B 260 9.75 -12.97 -15.68
CA LYS B 260 10.03 -12.28 -14.42
C LYS B 260 10.30 -10.81 -14.66
N SER B 261 11.19 -10.51 -15.61
CA SER B 261 11.62 -9.13 -15.83
C SER B 261 10.56 -8.39 -16.63
N PRO B 262 10.06 -7.25 -16.15
CA PRO B 262 9.07 -6.50 -16.94
C PRO B 262 9.61 -6.00 -18.26
N LYS B 263 10.92 -5.76 -18.34
CA LYS B 263 11.51 -5.22 -19.56
C LYS B 263 11.53 -6.23 -20.70
N LYS B 264 11.45 -7.52 -20.40
CA LYS B 264 11.39 -8.54 -21.42
C LYS B 264 9.99 -9.13 -21.59
N ARG B 265 9.04 -8.70 -20.77
CA ARG B 265 7.68 -9.20 -20.90
C ARG B 265 7.02 -8.58 -22.13
N PRO B 266 6.43 -9.38 -23.01
CA PRO B 266 5.88 -8.82 -24.25
C PRO B 266 4.58 -8.06 -24.01
N SER B 267 4.34 -7.08 -24.88
CA SER B 267 3.17 -6.21 -24.77
C SER B 267 1.90 -6.94 -25.20
N ALA B 268 0.76 -6.34 -24.85
CA ALA B 268 -0.54 -6.91 -25.22
C ALA B 268 -0.68 -7.04 -26.73
N THR B 269 -0.20 -6.05 -27.48
CA THR B 269 -0.26 -6.14 -28.94
C THR B 269 0.67 -7.22 -29.46
N LYS B 270 1.86 -7.34 -28.87
CA LYS B 270 2.76 -8.44 -29.22
C LYS B 270 2.12 -9.79 -28.93
N MET B 271 1.39 -9.89 -27.82
CA MET B 271 0.75 -11.15 -27.46
C MET B 271 -0.41 -11.48 -28.38
N LEU B 272 -1.08 -10.47 -28.94
CA LEU B 272 -2.16 -10.72 -29.89
C LEU B 272 -1.67 -11.43 -31.15
N SER B 273 -0.38 -11.31 -31.47
CA SER B 273 0.20 -12.01 -32.60
C SER B 273 0.73 -13.39 -32.24
N HIS B 274 0.54 -13.83 -30.99
CA HIS B 274 1.03 -15.13 -30.58
C HIS B 274 0.15 -16.23 -31.17
N GLN B 275 0.75 -17.42 -31.34
CA GLN B 275 0.06 -18.49 -32.05
C GLN B 275 -1.19 -18.95 -31.33
N LEU B 276 -1.15 -18.99 -29.99
CA LEU B 276 -2.27 -19.56 -29.24
C LEU B 276 -3.54 -18.76 -29.44
N VAL B 277 -3.44 -17.44 -29.58
CA VAL B 277 -4.63 -16.59 -29.69
C VAL B 277 -4.92 -16.17 -31.13
N SER B 278 -3.98 -16.36 -32.06
CA SER B 278 -4.16 -15.95 -33.44
C SER B 278 -4.58 -17.09 -34.35
N GLN B 279 -4.87 -18.28 -33.79
CA GLN B 279 -5.28 -19.40 -34.60
C GLN B 279 -6.75 -19.27 -35.00
N PRO B 280 -7.12 -19.64 -36.22
CA PRO B 280 -8.54 -19.67 -36.59
C PRO B 280 -9.29 -20.70 -35.76
N GLY B 281 -10.61 -20.50 -35.68
CA GLY B 281 -11.48 -21.36 -34.90
C GLY B 281 -11.86 -20.81 -33.54
N LEU B 282 -11.27 -19.69 -33.12
CA LEU B 282 -11.60 -19.05 -31.86
C LEU B 282 -12.75 -18.07 -32.06
N ASN B 283 -13.89 -18.36 -31.43
CA ASN B 283 -15.05 -17.48 -31.53
C ASN B 283 -15.97 -17.74 -30.33
N ARG B 284 -17.01 -16.91 -30.22
CA ARG B 284 -17.92 -16.98 -29.08
C ARG B 284 -18.60 -18.34 -28.94
N GLY B 285 -18.72 -19.10 -30.02
CA GLY B 285 -19.34 -20.41 -29.94
C GLY B 285 -18.68 -21.33 -28.92
N LEU B 286 -17.38 -21.14 -28.69
CA LEU B 286 -16.68 -21.94 -27.69
C LEU B 286 -17.25 -21.72 -26.30
N ILE B 287 -17.61 -20.47 -25.98
CA ILE B 287 -18.15 -20.21 -24.64
C ILE B 287 -19.63 -20.59 -24.59
N LEU B 288 -20.33 -20.51 -25.73
CA LEU B 288 -21.69 -21.00 -25.80
C LEU B 288 -21.76 -22.48 -25.45
N ASP B 289 -20.79 -23.27 -25.92
CA ASP B 289 -20.66 -24.65 -25.49
C ASP B 289 -20.41 -24.74 -23.98
N LEU B 290 -19.60 -23.82 -23.45
CA LEU B 290 -19.30 -23.83 -22.02
C LEU B 290 -20.53 -23.55 -21.19
N LEU B 291 -21.27 -22.49 -21.55
CA LEU B 291 -22.52 -22.19 -20.86
C LEU B 291 -23.53 -23.32 -20.99
N ASP B 292 -23.39 -24.15 -22.02
CA ASP B 292 -24.28 -25.30 -22.17
C ASP B 292 -23.95 -26.37 -21.15
N LYS B 293 -22.67 -26.49 -20.77
CA LYS B 293 -22.31 -27.32 -19.62
C LYS B 293 -23.01 -26.86 -18.36
N LEU B 294 -23.23 -25.55 -18.23
CA LEU B 294 -23.88 -24.97 -17.06
C LEU B 294 -25.35 -25.38 -16.96
N LYS B 295 -25.94 -25.87 -18.05
CA LYS B 295 -27.30 -26.38 -18.06
C LYS B 295 -27.23 -27.89 -17.90
N ASN B 296 -27.76 -28.39 -16.78
CA ASN B 296 -27.77 -29.81 -16.47
C ASN B 296 -26.36 -30.40 -16.45
C11 A1LVT C . 4.17 7.09 20.44
C12 A1LVT C . 5.26 7.70 19.85
C13 A1LVT C . 6.53 7.40 20.32
C14 A1LVT C . 6.69 6.50 21.37
C17 A1LVT C . 8.44 6.64 26.08
C19 A1LVT C . 6.73 8.49 26.65
C20 A1LVT C . 6.23 9.34 27.63
C22 A1LVT C . 6.71 10.52 29.58
C24 A1LVT C . 4.36 10.03 26.18
C25 A1LVT C . 3.13 10.87 26.00
C26 A1LVT C . 2.25 10.47 24.84
C29 A1LVT C . 4.04 9.15 23.88
C30 A1LVT C . 4.83 9.20 25.17
C33 A1LVT C . 10.17 5.19 25.52
C34 A1LVT C . 9.45 4.49 24.51
C35 A1LVT C . 9.95 3.38 23.67
C02 A1LVT C . 7.73 3.34 22.57
C04 A1LVT C . 5.83 4.86 23.14
C05 A1LVT C . 5.61 5.86 21.98
C06 A1LVT C . 4.35 6.19 21.49
C07 A1LVT C . 3.11 5.52 22.12
C15 A1LVT C . 8.11 4.99 24.35
C23 A1LVT C . 5.07 10.09 27.38
C28 A1LVT C . 2.20 9.87 22.63
C31 A1LVT C . 5.99 8.46 25.43
C37 A1LVT C . 9.10 2.85 22.75
F08 A1LVT C . 2.82 4.31 21.69
F09 A1LVT C . 3.24 5.32 23.40
F10 A1LVT C . 2.01 6.23 22.01
N03 A1LVT C . 7.24 4.40 23.37
N16 A1LVT C . 7.66 6.03 25.13
N18 A1LVT C . 7.93 7.70 26.86
N27 A1LVT C . 3.11 10.28 23.68
N32 A1LVT C . 9.73 6.20 26.27
N36 A1LVT C . 11.28 2.89 23.82
O01 A1LVT C . 6.98 2.84 21.74
O21 A1LVT C . 6.91 9.40 28.78
C11 A1LVT D . -17.90 -9.44 -8.99
C12 A1LVT D . -17.02 -9.70 -10.02
C13 A1LVT D . -17.26 -9.18 -11.28
C14 A1LVT D . -18.39 -8.41 -11.50
C17 A1LVT D . -22.67 -8.51 -14.27
C19 A1LVT D . -23.26 -10.79 -13.18
C20 A1LVT D . -24.13 -11.90 -13.15
C22 A1LVT D . -26.13 -12.87 -13.93
C24 A1LVT D . -22.99 -12.83 -11.18
C25 A1LVT D . -22.90 -13.94 -10.17
C26 A1LVT D . -22.12 -13.57 -8.92
C29 A1LVT D . -21.04 -11.75 -10.08
C30 A1LVT D . -22.11 -11.77 -11.17
C33 A1LVT D . -21.99 -6.62 -15.44
C34 A1LVT D . -21.24 -6.06 -14.36
C35 A1LVT D . -20.48 -4.79 -14.38
C02 A1LVT D . -19.84 -5.25 -12.03
C04 A1LVT D . -20.55 -7.27 -10.75
C05 A1LVT D . -19.32 -8.12 -10.48
C06 A1LVT D . -19.04 -8.67 -9.24
C07 A1LVT D . -20.02 -8.38 -8.07
C15 A1LVT D . -21.27 -6.88 -13.19
C23 A1LVT D . -23.97 -12.87 -12.16
C28 A1LVT D . -20.14 -12.75 -8.15
C31 A1LVT D . -22.26 -10.78 -12.17
C37 A1LVT D . -19.82 -4.42 -13.25
F08 A1LVT D . -20.04 -7.15 -7.64
F09 A1LVT D . -19.70 -9.04 -6.98
F10 A1LVT D . -21.26 -8.70 -8.33
N03 A1LVT D . -20.58 -6.47 -12.03
N16 A1LVT D . -21.96 -8.05 -13.18
N18 A1LVT D . -23.38 -9.75 -14.20
N27 A1LVT D . -20.85 -13.05 -9.38
N32 A1LVT D . -22.68 -7.77 -15.43
N36 A1LVT D . -20.47 -3.99 -15.55
O01 A1LVT D . -19.24 -4.91 -11.02
O21 A1LVT D . -25.09 -11.95 -14.11
#